data_7MRD
#
_entry.id   7MRD
#
_cell.length_a   34.850
_cell.length_b   63.170
_cell.length_c   112.600
_cell.angle_alpha   90.000
_cell.angle_beta   90.000
_cell.angle_gamma   90.000
#
_symmetry.space_group_name_H-M   'P 21 21 21'
#
loop_
_entity.id
_entity.type
_entity.pdbx_description
1 polymer 'Bromodomain testis-specific protein'
2 non-polymer "N,N'-[(1,16-dioxo-4,7,10,13-tetraoxahexadecane-1,16-diyl)di(piperidine-1,4-diyl)]bis{4-[(4-{4-chloro-3-[(2-methylpropane-2-sulfonyl)amino]anilino}-5-methylpyrimidin-2-yl)amino]-2-fluorobenzamide}"
3 water water
#
_entity_poly.entity_id   1
_entity_poly.type   'polypeptide(L)'
_entity_poly.pdbx_seq_one_letter_code
;GAASTNQLQYLQKVVLKDLWKHSFSWPFQRPVDAVKLQLPDYYTIIKNPMDLNTIKKRLENKYYAKASECIEDFNTMFSN
CYLYNKPGDDIVLMAQALEKLFMQKLSQMPQEE
;
_entity_poly.pdbx_strand_id   A,B
#
# COMPACT_ATOMS: atom_id res chain seq x y z
N GLY A 1 32.44 -0.22 -13.40
CA GLY A 1 33.29 -1.39 -13.19
C GLY A 1 33.81 -2.02 -14.47
N ALA A 2 32.93 -2.78 -15.15
CA ALA A 2 33.29 -3.45 -16.39
C ALA A 2 32.29 -3.01 -17.45
N ALA A 3 31.27 -3.82 -17.74
CA ALA A 3 30.23 -3.45 -18.69
C ALA A 3 29.15 -2.63 -17.98
N SER A 4 28.68 -1.57 -18.64
CA SER A 4 27.66 -0.66 -18.11
C SER A 4 28.09 -0.07 -16.75
N THR A 5 29.18 0.71 -16.79
CA THR A 5 29.72 1.27 -15.56
C THR A 5 28.85 2.40 -15.02
N ASN A 6 28.41 3.31 -15.90
CA ASN A 6 27.54 4.38 -15.42
C ASN A 6 26.15 3.83 -15.06
N GLN A 7 25.74 2.75 -15.72
CA GLN A 7 24.42 2.19 -15.43
C GLN A 7 24.41 1.45 -14.10
N LEU A 8 25.47 0.68 -13.80
CA LEU A 8 25.56 0.04 -12.49
C LEU A 8 25.63 1.10 -11.38
N GLN A 9 26.34 2.21 -11.62
CA GLN A 9 26.34 3.30 -10.66
C GLN A 9 24.95 3.86 -10.44
N TYR A 10 24.18 4.04 -11.52
CA TYR A 10 22.82 4.56 -11.41
C TYR A 10 21.92 3.60 -10.63
N LEU A 11 22.03 2.31 -10.92
CA LEU A 11 21.25 1.33 -10.17
C LEU A 11 21.56 1.37 -8.70
N GLN A 12 22.81 1.65 -8.34
CA GLN A 12 23.22 1.64 -6.94
C GLN A 12 22.84 2.95 -6.26
N LYS A 13 23.14 4.08 -6.89
CA LYS A 13 23.04 5.38 -6.24
C LYS A 13 21.68 6.03 -6.41
N VAL A 14 20.92 5.67 -7.44
CA VAL A 14 19.58 6.22 -7.67
C VAL A 14 18.50 5.18 -7.39
N VAL A 15 18.51 4.08 -8.13
CA VAL A 15 17.39 3.12 -8.05
C VAL A 15 17.33 2.47 -6.68
N LEU A 16 18.42 1.84 -6.26
CA LEU A 16 18.43 1.13 -4.98
C LEU A 16 18.17 2.09 -3.83
N LYS A 17 18.82 3.25 -3.84
CA LYS A 17 18.64 4.21 -2.76
C LYS A 17 17.20 4.70 -2.67
N ASP A 18 16.60 5.02 -3.82
CA ASP A 18 15.24 5.58 -3.77
C ASP A 18 14.20 4.52 -3.41
N LEU A 19 14.41 3.26 -3.80
CA LEU A 19 13.53 2.20 -3.32
C LEU A 19 13.69 1.98 -1.83
N TRP A 20 14.92 1.98 -1.34
CA TRP A 20 15.15 1.78 0.09
C TRP A 20 14.52 2.89 0.89
N LYS A 21 14.63 4.13 0.40
CA LYS A 21 14.09 5.26 1.14
C LYS A 21 12.57 5.24 1.19
N HIS A 22 11.92 4.59 0.21
CA HIS A 22 10.47 4.51 0.18
C HIS A 22 9.94 3.86 1.45
N SER A 23 8.86 4.44 2.00
CA SER A 23 8.36 3.99 3.29
C SER A 23 7.81 2.56 3.26
N PHE A 24 7.46 2.03 2.08
CA PHE A 24 6.99 0.65 2.02
C PHE A 24 8.13 -0.37 1.82
N SER A 25 9.40 0.05 1.88
CA SER A 25 10.47 -0.87 1.49
C SER A 25 10.81 -1.91 2.55
N TRP A 26 10.44 -1.68 3.81
CA TRP A 26 10.98 -2.50 4.89
C TRP A 26 10.73 -3.99 4.74
N PRO A 27 9.56 -4.48 4.28
CA PRO A 27 9.40 -5.94 4.13
C PRO A 27 10.27 -6.55 3.05
N PHE A 28 10.91 -5.72 2.22
CA PHE A 28 11.74 -6.17 1.11
C PHE A 28 13.22 -5.97 1.35
N GLN A 29 13.59 -5.44 2.52
CA GLN A 29 14.97 -5.03 2.75
C GLN A 29 15.88 -6.22 3.01
N ARG A 30 15.41 -7.20 3.74
CA ARG A 30 16.21 -8.34 4.14
C ARG A 30 15.55 -9.61 3.64
N PRO A 31 16.30 -10.71 3.52
CA PRO A 31 15.66 -11.98 3.13
C PRO A 31 14.50 -12.28 4.06
N VAL A 32 13.42 -12.81 3.50
CA VAL A 32 12.30 -13.26 4.31
C VAL A 32 12.81 -14.28 5.31
N ASP A 33 12.57 -14.04 6.60
CA ASP A 33 12.91 -14.98 7.67
C ASP A 33 11.72 -15.92 7.82
N ALA A 34 11.80 -17.08 7.16
CA ALA A 34 10.65 -17.96 7.09
C ALA A 34 10.34 -18.65 8.41
N VAL A 35 11.33 -18.78 9.31
CA VAL A 35 11.04 -19.33 10.62
C VAL A 35 10.32 -18.31 11.49
N LYS A 36 10.84 -17.08 11.54
CA LYS A 36 10.23 -16.04 12.38
C LYS A 36 8.84 -15.69 11.89
N LEU A 37 8.63 -15.66 10.58
CA LEU A 37 7.32 -15.36 10.00
C LEU A 37 6.44 -16.59 9.83
N GLN A 38 6.92 -17.76 10.23
CA GLN A 38 6.11 -18.98 10.24
C GLN A 38 5.55 -19.30 8.85
N LEU A 39 6.45 -19.25 7.85
CA LEU A 39 6.10 -19.52 6.45
C LEU A 39 6.91 -20.71 5.96
N PRO A 40 6.54 -21.93 6.38
CA PRO A 40 7.36 -23.10 6.01
C PRO A 40 7.35 -23.44 4.53
N ASP A 41 6.46 -22.86 3.72
CA ASP A 41 6.46 -23.14 2.30
C ASP A 41 7.12 -22.04 1.47
N TYR A 42 7.56 -20.96 2.11
CA TYR A 42 8.08 -19.83 1.34
C TYR A 42 9.24 -20.25 0.46
N TYR A 43 10.24 -20.94 1.04
CA TYR A 43 11.39 -21.32 0.25
C TYR A 43 11.22 -22.64 -0.48
N THR A 44 10.03 -23.24 -0.40
CA THR A 44 9.65 -24.33 -1.28
C THR A 44 9.11 -23.78 -2.59
N ILE A 45 8.34 -22.69 -2.52
CA ILE A 45 7.74 -22.09 -3.70
C ILE A 45 8.70 -21.13 -4.39
N ILE A 46 9.47 -20.37 -3.63
CA ILE A 46 10.37 -19.34 -4.15
C ILE A 46 11.79 -19.92 -4.19
N LYS A 47 12.25 -20.25 -5.39
CA LYS A 47 13.56 -20.87 -5.56
C LYS A 47 14.64 -19.88 -5.96
N ASN A 48 14.26 -18.65 -6.32
CA ASN A 48 15.19 -17.58 -6.65
C ASN A 48 14.89 -16.37 -5.76
N PRO A 49 15.09 -16.48 -4.44
CA PRO A 49 14.70 -15.38 -3.56
C PRO A 49 15.63 -14.20 -3.74
N MET A 50 15.09 -13.01 -3.48
CA MET A 50 15.81 -11.77 -3.69
C MET A 50 15.24 -10.69 -2.77
N ASP A 51 16.14 -9.83 -2.27
CA ASP A 51 15.77 -8.74 -1.38
C ASP A 51 16.73 -7.59 -1.63
N LEU A 52 16.40 -6.41 -1.10
CA LEU A 52 17.19 -5.22 -1.40
C LEU A 52 18.60 -5.32 -0.85
N ASN A 53 18.78 -5.93 0.33
CA ASN A 53 20.12 -6.08 0.89
C ASN A 53 21.00 -6.96 0.03
N THR A 54 20.44 -8.04 -0.53
CA THR A 54 21.23 -8.88 -1.42
C THR A 54 21.69 -8.10 -2.63
N ILE A 55 20.81 -7.28 -3.20
CA ILE A 55 21.20 -6.43 -4.33
C ILE A 55 22.24 -5.41 -3.90
N LYS A 56 22.02 -4.77 -2.75
CA LYS A 56 22.97 -3.77 -2.24
C LYS A 56 24.36 -4.35 -2.09
N LYS A 57 24.47 -5.50 -1.44
CA LYS A 57 25.77 -6.13 -1.22
C LYS A 57 26.37 -6.63 -2.52
N ARG A 58 25.54 -7.11 -3.45
CA ARG A 58 26.05 -7.50 -4.77
C ARG A 58 26.62 -6.31 -5.51
N LEU A 59 25.95 -5.15 -5.45
CA LEU A 59 26.50 -3.96 -6.07
C LEU A 59 27.80 -3.54 -5.38
N GLU A 60 27.83 -3.62 -4.04
CA GLU A 60 29.05 -3.26 -3.31
C GLU A 60 30.21 -4.15 -3.71
N ASN A 61 29.96 -5.44 -3.92
CA ASN A 61 30.99 -6.42 -4.19
C ASN A 61 31.32 -6.55 -5.68
N LYS A 62 30.71 -5.74 -6.54
CA LYS A 62 30.91 -5.82 -7.99
C LYS A 62 30.54 -7.19 -8.55
N TYR A 63 29.46 -7.78 -8.00
CA TYR A 63 29.02 -9.11 -8.40
C TYR A 63 28.47 -9.12 -9.83
N TYR A 64 27.85 -8.03 -10.28
CA TYR A 64 27.19 -7.99 -11.58
C TYR A 64 28.18 -7.57 -12.65
N ALA A 65 28.30 -8.39 -13.69
CA ALA A 65 29.13 -8.02 -14.84
C ALA A 65 28.48 -6.93 -15.67
N LYS A 66 27.15 -6.86 -15.68
CA LYS A 66 26.46 -5.83 -16.43
C LYS A 66 25.15 -5.46 -15.74
N ALA A 67 24.65 -4.29 -16.10
CA ALA A 67 23.49 -3.71 -15.42
C ALA A 67 22.24 -4.58 -15.58
N SER A 68 22.09 -5.22 -16.74
CA SER A 68 20.91 -6.07 -16.96
C SER A 68 20.79 -7.18 -15.92
N GLU A 69 21.91 -7.70 -15.44
CA GLU A 69 21.88 -8.72 -14.40
C GLU A 69 21.33 -8.17 -13.09
N CYS A 70 21.58 -6.89 -12.80
CA CYS A 70 21.03 -6.27 -11.60
C CYS A 70 19.54 -5.98 -11.78
N ILE A 71 19.15 -5.47 -12.95
CA ILE A 71 17.74 -5.27 -13.25
C ILE A 71 16.96 -6.57 -13.10
N GLU A 72 17.54 -7.69 -13.56
CA GLU A 72 16.89 -8.99 -13.38
C GLU A 72 16.60 -9.26 -11.92
N ASP A 73 17.53 -8.90 -11.03
CA ASP A 73 17.31 -9.17 -9.61
C ASP A 73 16.19 -8.30 -9.04
N PHE A 74 16.17 -7.01 -9.41
CA PHE A 74 15.04 -6.18 -8.99
C PHE A 74 13.72 -6.77 -9.46
N ASN A 75 13.64 -7.15 -10.74
CA ASN A 75 12.39 -7.69 -11.26
C ASN A 75 11.99 -8.97 -10.54
N THR A 76 12.97 -9.80 -10.17
CA THR A 76 12.71 -11.05 -9.46
C THR A 76 12.12 -10.78 -8.08
N MET A 77 12.61 -9.76 -7.39
CA MET A 77 12.04 -9.39 -6.10
C MET A 77 10.53 -9.16 -6.21
N PHE A 78 10.09 -8.41 -7.23
CA PHE A 78 8.67 -8.17 -7.41
C PHE A 78 7.92 -9.42 -7.86
N SER A 79 8.45 -10.15 -8.84
CA SER A 79 7.72 -11.31 -9.34
C SER A 79 7.58 -12.39 -8.26
N ASN A 80 8.58 -12.54 -7.38
CA ASN A 80 8.47 -13.49 -6.28
C ASN A 80 7.32 -13.12 -5.36
N CYS A 81 7.13 -11.82 -5.12
CA CYS A 81 6.08 -11.37 -4.23
C CYS A 81 4.70 -11.72 -4.79
N TYR A 82 4.51 -11.49 -6.09
CA TYR A 82 3.23 -11.78 -6.72
C TYR A 82 3.01 -13.28 -6.88
N LEU A 83 4.09 -14.06 -6.95
CA LEU A 83 3.95 -15.51 -7.08
C LEU A 83 3.53 -16.12 -5.75
N TYR A 84 4.15 -15.71 -4.65
CA TYR A 84 3.88 -16.35 -3.38
C TYR A 84 2.54 -15.91 -2.79
N ASN A 85 2.19 -14.65 -2.94
CA ASN A 85 1.03 -14.06 -2.29
C ASN A 85 -0.13 -13.96 -3.27
N LYS A 86 -1.21 -13.31 -2.85
CA LYS A 86 -2.43 -13.26 -3.65
C LYS A 86 -2.82 -11.82 -3.90
N PRO A 87 -3.58 -11.54 -4.97
CA PRO A 87 -4.05 -10.16 -5.18
C PRO A 87 -4.81 -9.66 -3.96
N GLY A 88 -4.59 -8.39 -3.63
CA GLY A 88 -5.22 -7.78 -2.48
C GLY A 88 -4.49 -7.97 -1.18
N ASP A 89 -3.49 -8.86 -1.12
CA ASP A 89 -2.72 -9.00 0.10
C ASP A 89 -1.94 -7.72 0.36
N ASP A 90 -1.78 -7.40 1.66
CA ASP A 90 -1.11 -6.16 2.03
C ASP A 90 0.29 -6.08 1.43
N ILE A 91 1.04 -7.19 1.48
CA ILE A 91 2.40 -7.18 0.94
C ILE A 91 2.40 -6.93 -0.56
N VAL A 92 1.37 -7.41 -1.26
CA VAL A 92 1.28 -7.22 -2.70
C VAL A 92 1.00 -5.75 -3.03
N LEU A 93 0.12 -5.10 -2.27
CA LEU A 93 -0.14 -3.68 -2.50
C LEU A 93 1.11 -2.84 -2.23
N MET A 94 1.88 -3.21 -1.20
CA MET A 94 3.13 -2.51 -0.92
C MET A 94 4.12 -2.69 -2.06
N ALA A 95 4.29 -3.94 -2.53
CA ALA A 95 5.17 -4.19 -3.65
C ALA A 95 4.75 -3.41 -4.89
N GLN A 96 3.45 -3.34 -5.17
CA GLN A 96 3.01 -2.65 -6.38
C GLN A 96 3.41 -1.18 -6.35
N ALA A 97 3.30 -0.54 -5.18
CA ALA A 97 3.68 0.86 -5.09
C ALA A 97 5.18 1.02 -5.27
N LEU A 98 5.96 0.09 -4.71
CA LEU A 98 7.41 0.12 -4.91
C LEU A 98 7.76 -0.14 -6.37
N GLU A 99 7.04 -1.05 -7.01
CA GLU A 99 7.36 -1.38 -8.39
C GLU A 99 7.07 -0.20 -9.29
N LYS A 100 6.00 0.55 -9.00
CA LYS A 100 5.72 1.74 -9.80
C LYS A 100 6.88 2.73 -9.73
N LEU A 101 7.43 2.93 -8.52
CA LEU A 101 8.59 3.81 -8.38
C LEU A 101 9.80 3.23 -9.09
N PHE A 102 10.04 1.92 -8.95
CA PHE A 102 11.13 1.28 -9.65
C PHE A 102 11.07 1.52 -11.14
N MET A 103 9.87 1.38 -11.73
CA MET A 103 9.76 1.54 -13.17
C MET A 103 10.03 2.97 -13.59
N GLN A 104 9.65 3.96 -12.77
CA GLN A 104 10.00 5.34 -13.08
C GLN A 104 11.51 5.53 -13.07
N LYS A 105 12.19 5.02 -12.03
CA LYS A 105 13.63 5.25 -11.93
C LYS A 105 14.36 4.52 -13.04
N LEU A 106 13.93 3.29 -13.34
CA LEU A 106 14.55 2.54 -14.42
C LEU A 106 14.36 3.26 -15.76
N SER A 107 13.18 3.83 -15.97
CA SER A 107 12.92 4.53 -17.23
C SER A 107 13.80 5.76 -17.41
N GLN A 108 14.32 6.33 -16.32
CA GLN A 108 15.16 7.52 -16.37
C GLN A 108 16.63 7.19 -16.43
N MET A 109 16.98 5.91 -16.47
CA MET A 109 18.39 5.52 -16.45
C MET A 109 19.05 5.97 -17.74
N PRO A 110 20.09 6.80 -17.68
CA PRO A 110 20.79 7.17 -18.92
C PRO A 110 21.39 5.96 -19.61
N GLN A 111 21.46 6.04 -20.94
CA GLN A 111 22.02 4.94 -21.71
C GLN A 111 23.54 4.87 -21.49
N GLU A 112 24.10 3.73 -21.87
CA GLU A 112 25.52 3.44 -21.69
C GLU A 112 26.39 4.53 -22.30
N GLY B 1 -40.38 13.70 2.76
CA GLY B 1 -39.78 13.38 4.05
C GLY B 1 -39.37 11.92 4.18
N ALA B 2 -38.12 11.61 3.84
CA ALA B 2 -37.16 12.61 3.36
C ALA B 2 -37.27 12.76 1.83
N ALA B 3 -36.34 13.53 1.25
CA ALA B 3 -36.39 13.80 -0.19
C ALA B 3 -34.97 14.08 -0.68
N SER B 4 -34.22 13.01 -1.01
CA SER B 4 -34.57 11.60 -0.83
C SER B 4 -33.29 10.78 -1.01
N THR B 5 -32.70 10.90 -2.20
CA THR B 5 -31.62 10.01 -2.61
C THR B 5 -30.41 10.74 -3.18
N ASN B 6 -30.51 12.03 -3.53
CA ASN B 6 -29.46 12.64 -4.33
C ASN B 6 -28.16 12.79 -3.56
N GLN B 7 -28.22 13.00 -2.25
CA GLN B 7 -26.99 13.09 -1.47
C GLN B 7 -26.32 11.73 -1.32
N LEU B 8 -27.10 10.67 -1.08
CA LEU B 8 -26.51 9.34 -1.04
C LEU B 8 -25.92 8.94 -2.39
N GLN B 9 -26.55 9.38 -3.48
CA GLN B 9 -25.99 9.16 -4.82
C GLN B 9 -24.61 9.82 -4.94
N TYR B 10 -24.51 11.07 -4.50
CA TYR B 10 -23.23 11.79 -4.54
C TYR B 10 -22.18 11.09 -3.68
N LEU B 11 -22.56 10.60 -2.51
CA LEU B 11 -21.61 9.90 -1.66
C LEU B 11 -21.08 8.65 -2.35
N GLN B 12 -21.95 7.96 -3.11
CA GLN B 12 -21.52 6.73 -3.77
C GLN B 12 -20.73 6.99 -5.04
N LYS B 13 -21.26 7.83 -5.93
CA LYS B 13 -20.68 8.00 -7.25
C LYS B 13 -19.56 9.03 -7.31
N VAL B 14 -19.44 9.90 -6.31
CA VAL B 14 -18.38 10.90 -6.31
C VAL B 14 -17.45 10.69 -5.11
N VAL B 15 -17.99 10.79 -3.90
CA VAL B 15 -17.12 10.80 -2.72
C VAL B 15 -16.38 9.48 -2.57
N LEU B 16 -17.13 8.37 -2.53
CA LEU B 16 -16.48 7.07 -2.35
C LEU B 16 -15.55 6.74 -3.51
N LYS B 17 -15.97 7.06 -4.73
CA LYS B 17 -15.15 6.76 -5.90
C LYS B 17 -13.81 7.51 -5.85
N ASP B 18 -13.85 8.81 -5.51
CA ASP B 18 -12.63 9.59 -5.49
C ASP B 18 -11.72 9.19 -4.33
N LEU B 19 -12.29 8.84 -3.18
CA LEU B 19 -11.44 8.34 -2.11
C LEU B 19 -10.81 7.00 -2.49
N TRP B 20 -11.60 6.13 -3.13
CA TRP B 20 -11.10 4.81 -3.49
C TRP B 20 -9.93 4.92 -4.45
N LYS B 21 -10.02 5.82 -5.44
CA LYS B 21 -8.96 5.91 -6.42
C LYS B 21 -7.69 6.56 -5.88
N HIS B 22 -7.75 7.23 -4.72
CA HIS B 22 -6.56 7.82 -4.14
C HIS B 22 -5.58 6.74 -3.71
N SER B 23 -4.28 7.01 -3.90
CA SER B 23 -3.27 5.99 -3.62
C SER B 23 -3.11 5.67 -2.14
N PHE B 24 -3.68 6.47 -1.24
CA PHE B 24 -3.60 6.22 0.20
C PHE B 24 -4.77 5.39 0.70
N SER B 25 -5.70 5.01 -0.17
CA SER B 25 -6.92 4.40 0.33
C SER B 25 -6.82 2.91 0.58
N TRP B 26 -5.85 2.22 -0.02
CA TRP B 26 -5.85 0.77 0.07
C TRP B 26 -5.75 0.20 1.49
N PRO B 27 -5.01 0.80 2.44
CA PRO B 27 -5.02 0.24 3.80
C PRO B 27 -6.36 0.37 4.51
N PHE B 28 -7.31 1.10 3.92
CA PHE B 28 -8.61 1.33 4.51
C PHE B 28 -9.73 0.61 3.77
N GLN B 29 -9.40 -0.19 2.76
CA GLN B 29 -10.44 -0.80 1.95
C GLN B 29 -11.00 -2.07 2.57
N ARG B 30 -10.14 -2.92 3.11
CA ARG B 30 -10.51 -4.25 3.57
C ARG B 30 -10.28 -4.36 5.07
N PRO B 31 -10.87 -5.36 5.73
CA PRO B 31 -10.69 -5.48 7.19
C PRO B 31 -9.24 -5.66 7.60
N VAL B 32 -8.89 -5.06 8.72
CA VAL B 32 -7.52 -5.11 9.24
C VAL B 32 -7.20 -6.52 9.73
N ASP B 33 -6.09 -7.08 9.25
CA ASP B 33 -5.55 -8.32 9.80
C ASP B 33 -4.58 -7.94 10.92
N ALA B 34 -5.10 -7.92 12.15
CA ALA B 34 -4.29 -7.48 13.27
C ALA B 34 -3.21 -8.47 13.63
N VAL B 35 -3.33 -9.72 13.17
CA VAL B 35 -2.28 -10.70 13.39
C VAL B 35 -1.08 -10.40 12.49
N LYS B 36 -1.30 -10.34 11.18
CA LYS B 36 -0.19 -10.05 10.25
C LYS B 36 0.40 -8.66 10.51
N LEU B 37 -0.44 -7.69 10.83
CA LEU B 37 0.05 -6.33 11.03
C LEU B 37 0.62 -6.09 12.42
N GLN B 38 0.52 -7.07 13.34
CA GLN B 38 1.09 -6.96 14.68
C GLN B 38 0.48 -5.80 15.47
N LEU B 39 -0.85 -5.77 15.55
CA LEU B 39 -1.58 -4.71 16.24
C LEU B 39 -2.24 -5.30 17.48
N PRO B 40 -1.56 -5.31 18.62
CA PRO B 40 -2.14 -5.89 19.84
C PRO B 40 -3.44 -5.20 20.24
N ASP B 41 -4.42 -6.00 20.63
CA ASP B 41 -5.70 -5.52 21.16
C ASP B 41 -6.50 -4.70 20.16
N TYR B 42 -6.21 -4.83 18.85
CA TYR B 42 -6.90 -4.01 17.85
C TYR B 42 -8.41 -4.14 17.95
N TYR B 43 -8.92 -5.37 17.94
CA TYR B 43 -10.37 -5.56 17.95
C TYR B 43 -11.00 -5.45 19.33
N THR B 44 -10.20 -5.24 20.38
CA THR B 44 -10.71 -4.81 21.67
C THR B 44 -10.83 -3.29 21.73
N ILE B 45 -9.84 -2.58 21.21
CA ILE B 45 -9.85 -1.12 21.24
C ILE B 45 -10.91 -0.58 20.28
N ILE B 46 -11.01 -1.17 19.09
CA ILE B 46 -11.91 -0.72 18.04
C ILE B 46 -13.15 -1.62 18.09
N LYS B 47 -14.21 -1.15 18.74
CA LYS B 47 -15.42 -1.97 18.87
C LYS B 47 -16.28 -1.97 17.60
N ASN B 48 -16.20 -0.91 16.79
CA ASN B 48 -16.99 -0.79 15.57
C ASN B 48 -16.07 -0.56 14.38
N PRO B 49 -15.39 -1.61 13.91
CA PRO B 49 -14.49 -1.42 12.76
C PRO B 49 -15.26 -1.02 11.51
N MET B 50 -14.62 -0.21 10.67
CA MET B 50 -15.23 0.30 9.45
C MET B 50 -14.16 0.38 8.39
N ASP B 51 -14.52 -0.05 7.18
CA ASP B 51 -13.61 0.03 6.04
C ASP B 51 -14.40 0.49 4.82
N LEU B 52 -13.66 0.84 3.75
CA LEU B 52 -14.32 1.37 2.57
C LEU B 52 -15.17 0.32 1.88
N ASN B 53 -14.78 -0.96 1.93
CA ASN B 53 -15.60 -1.99 1.31
C ASN B 53 -16.95 -2.10 2.00
N THR B 54 -16.98 -1.92 3.31
CA THR B 54 -18.25 -1.96 4.05
C THR B 54 -19.14 -0.79 3.65
N ILE B 55 -18.56 0.40 3.55
CA ILE B 55 -19.35 1.56 3.13
C ILE B 55 -19.87 1.37 1.70
N LYS B 56 -19.00 0.87 0.82
CA LYS B 56 -19.41 0.59 -0.56
C LYS B 56 -20.57 -0.38 -0.61
N LYS B 57 -20.47 -1.49 0.12
CA LYS B 57 -21.55 -2.47 0.12
C LYS B 57 -22.83 -1.87 0.69
N ARG B 58 -22.73 -1.09 1.77
CA ARG B 58 -23.92 -0.50 2.38
C ARG B 58 -24.61 0.49 1.43
N LEU B 59 -23.82 1.26 0.67
CA LEU B 59 -24.42 2.15 -0.32
C LEU B 59 -25.08 1.35 -1.44
N GLU B 60 -24.47 0.25 -1.86
CA GLU B 60 -25.06 -0.58 -2.91
C GLU B 60 -26.34 -1.26 -2.42
N ASN B 61 -26.37 -1.68 -1.16
CA ASN B 61 -27.51 -2.37 -0.57
C ASN B 61 -28.55 -1.45 0.03
N LYS B 62 -28.41 -0.13 -0.17
CA LYS B 62 -29.39 0.84 0.34
C LYS B 62 -29.57 0.72 1.85
N TYR B 63 -28.46 0.50 2.56
CA TYR B 63 -28.49 0.34 4.00
C TYR B 63 -28.71 1.66 4.73
N TYR B 64 -28.33 2.79 4.12
CA TYR B 64 -28.41 4.08 4.79
C TYR B 64 -29.74 4.75 4.46
N ALA B 65 -30.45 5.20 5.51
CA ALA B 65 -31.68 5.94 5.30
C ALA B 65 -31.40 7.35 4.79
N LYS B 66 -30.31 7.97 5.27
CA LYS B 66 -29.96 9.31 4.84
C LYS B 66 -28.44 9.45 4.80
N ALA B 67 -28.01 10.51 4.11
CA ALA B 67 -26.59 10.75 3.90
C ALA B 67 -25.82 10.91 5.21
N SER B 68 -26.43 11.50 6.24
CA SER B 68 -25.70 11.70 7.48
C SER B 68 -25.24 10.38 8.09
N GLU B 69 -26.01 9.31 7.91
CA GLU B 69 -25.61 8.01 8.44
C GLU B 69 -24.38 7.48 7.71
N CYS B 70 -24.30 7.69 6.40
CA CYS B 70 -23.14 7.25 5.64
C CYS B 70 -21.92 8.10 5.99
N ILE B 71 -22.11 9.42 6.11
CA ILE B 71 -21.02 10.28 6.53
C ILE B 71 -20.48 9.82 7.89
N GLU B 72 -21.37 9.37 8.77
CA GLU B 72 -20.93 8.91 10.09
C GLU B 72 -20.04 7.68 9.99
N ASP B 73 -20.33 6.79 9.04
CA ASP B 73 -19.45 5.63 8.84
C ASP B 73 -18.07 6.07 8.35
N PHE B 74 -18.01 7.03 7.42
CA PHE B 74 -16.70 7.56 7.05
C PHE B 74 -15.97 8.12 8.27
N ASN B 75 -16.68 8.91 9.09
CA ASN B 75 -16.05 9.50 10.26
C ASN B 75 -15.54 8.44 11.23
N THR B 76 -16.30 7.35 11.40
CA THR B 76 -15.87 6.24 12.26
C THR B 76 -14.59 5.61 11.73
N MET B 77 -14.51 5.42 10.41
CA MET B 77 -13.29 4.85 9.83
C MET B 77 -12.08 5.70 10.16
N PHE B 78 -12.21 7.03 10.08
CA PHE B 78 -11.09 7.91 10.41
C PHE B 78 -10.83 7.95 11.91
N SER B 79 -11.89 8.06 12.72
CA SER B 79 -11.67 8.22 14.16
C SER B 79 -11.13 6.94 14.78
N ASN B 80 -11.54 5.77 14.27
CA ASN B 80 -10.94 4.52 14.73
C ASN B 80 -9.44 4.53 14.51
N CYS B 81 -9.00 5.03 13.36
CA CYS B 81 -7.57 5.06 13.07
C CYS B 81 -6.84 5.93 14.08
N TYR B 82 -7.40 7.10 14.41
CA TYR B 82 -6.77 7.95 15.41
C TYR B 82 -6.91 7.38 16.82
N LEU B 83 -7.96 6.60 17.07
CA LEU B 83 -8.16 6.04 18.40
C LEU B 83 -7.12 4.98 18.72
N TYR B 84 -6.78 4.14 17.74
CA TYR B 84 -5.89 3.00 17.99
C TYR B 84 -4.42 3.38 17.92
N ASN B 85 -4.06 4.21 16.96
CA ASN B 85 -2.67 4.37 16.55
C ASN B 85 -2.00 5.55 17.26
N LYS B 86 -0.69 5.64 17.05
CA LYS B 86 0.13 6.73 17.53
C LYS B 86 0.04 7.94 16.59
N PRO B 87 0.25 9.15 17.13
CA PRO B 87 -0.23 10.39 16.47
C PRO B 87 0.13 10.72 15.01
N GLY B 88 1.28 10.42 14.42
CA GLY B 88 2.37 9.60 14.89
C GLY B 88 2.77 8.78 13.67
N ASP B 89 1.99 7.73 13.43
CA ASP B 89 2.32 6.68 12.47
C ASP B 89 1.95 7.08 11.05
N ASP B 90 2.57 6.38 10.09
CA ASP B 90 2.27 6.61 8.68
C ASP B 90 0.79 6.41 8.36
N ILE B 91 0.15 5.43 9.00
CA ILE B 91 -1.26 5.19 8.72
C ILE B 91 -2.10 6.40 9.12
N VAL B 92 -1.70 7.10 10.18
CA VAL B 92 -2.46 8.27 10.61
C VAL B 92 -2.28 9.40 9.62
N LEU B 93 -1.07 9.57 9.10
CA LEU B 93 -0.86 10.58 8.06
C LEU B 93 -1.70 10.27 6.83
N MET B 94 -1.79 8.99 6.45
CA MET B 94 -2.62 8.62 5.31
C MET B 94 -4.08 8.91 5.60
N ALA B 95 -4.57 8.52 6.79
CA ALA B 95 -5.94 8.84 7.18
C ALA B 95 -6.20 10.33 7.12
N GLN B 96 -5.29 11.15 7.65
CA GLN B 96 -5.53 12.59 7.68
C GLN B 96 -5.66 13.16 6.26
N ALA B 97 -4.85 12.65 5.33
CA ALA B 97 -4.94 13.13 3.95
C ALA B 97 -6.28 12.75 3.33
N LEU B 98 -6.73 11.52 3.56
CA LEU B 98 -8.02 11.12 3.04
C LEU B 98 -9.17 11.87 3.71
N GLU B 99 -9.03 12.18 5.00
CA GLU B 99 -10.08 12.92 5.69
C GLU B 99 -10.21 14.33 5.12
N LYS B 100 -9.09 14.98 4.85
CA LYS B 100 -9.13 16.32 4.25
C LYS B 100 -9.79 16.28 2.89
N LEU B 101 -9.48 15.26 2.09
CA LEU B 101 -10.10 15.09 0.78
C LEU B 101 -11.59 14.84 0.94
N PHE B 102 -11.95 13.98 1.90
CA PHE B 102 -13.36 13.72 2.20
C PHE B 102 -14.11 15.01 2.52
N MET B 103 -13.55 15.84 3.40
CA MET B 103 -14.22 17.09 3.77
C MET B 103 -14.34 18.03 2.57
N GLN B 104 -13.32 18.05 1.72
CA GLN B 104 -13.43 18.87 0.52
C GLN B 104 -14.54 18.36 -0.41
N LYS B 105 -14.67 17.04 -0.54
CA LYS B 105 -15.75 16.50 -1.36
C LYS B 105 -17.10 16.81 -0.75
N LEU B 106 -17.19 16.78 0.59
CA LEU B 106 -18.45 17.13 1.25
C LEU B 106 -18.83 18.59 1.03
N SER B 107 -17.84 19.49 0.87
CA SER B 107 -18.20 20.89 0.62
C SER B 107 -18.96 21.06 -0.68
N GLN B 108 -18.80 20.13 -1.62
CA GLN B 108 -19.45 20.18 -2.91
C GLN B 108 -20.68 19.30 -2.99
N MET B 109 -21.14 18.79 -1.85
CA MET B 109 -22.33 17.95 -1.82
C MET B 109 -23.54 18.78 -2.21
N PRO B 110 -24.36 18.31 -3.16
CA PRO B 110 -25.54 19.08 -3.57
C PRO B 110 -26.54 19.19 -2.44
N GLN B 111 -27.35 20.24 -2.53
CA GLN B 111 -28.35 20.52 -1.52
C GLN B 111 -29.41 19.43 -1.48
N GLU B 112 -30.03 19.28 -0.32
CA GLU B 112 -31.23 18.47 -0.06
C GLU B 112 -30.94 17.02 0.30
#